data_7DOV
#
_entry.id   7DOV
#
_cell.length_a   84.328
_cell.length_b   91.021
_cell.length_c   63.396
_cell.angle_alpha   90.000
_cell.angle_beta   90.000
_cell.angle_gamma   90.000
#
_symmetry.space_group_name_H-M   'P 21 21 2'
#
loop_
_entity.id
_entity.type
_entity.pdbx_description
1 polymer Lymphotoxin-alpha
2 water water
#
_entity_poly.entity_id   1
_entity_poly.type   'polypeptide(L)'
_entity_poly.pdbx_seq_one_letter_code
;QGNFTSKAAIHLTGGYNSESKTLDWRDDQDQAFSSGGLKLVNREIIIPDDGIYFVYSQVSLHISCTSELTEEQVLMSHAV
MRFSESYGGKKPLFSAIRSICTQEPESENLWYNTIYLGAAFHLREGDRLGTDTTTALLPMVENDNGKTFFGVFGL
;
_entity_poly.pdbx_strand_id   A,B,C
#
# COMPACT_ATOMS: atom_id res chain seq x y z
N ALA A 8 -14.55 9.68 -14.16
CA ALA A 8 -13.25 10.39 -14.16
C ALA A 8 -12.20 9.57 -13.40
N ALA A 9 -11.41 8.81 -14.11
CA ALA A 9 -10.36 7.95 -13.55
C ALA A 9 -9.29 7.75 -14.60
N ILE A 10 -8.09 7.44 -14.15
CA ILE A 10 -6.97 7.20 -15.08
C ILE A 10 -6.00 6.22 -14.41
N HIS A 11 -5.47 5.28 -15.16
CA HIS A 11 -4.45 4.37 -14.63
C HIS A 11 -3.32 4.31 -15.64
N LEU A 12 -2.10 4.58 -15.21
CA LEU A 12 -0.92 4.61 -16.10
C LEU A 12 0.05 3.51 -15.66
N THR A 13 0.75 2.96 -16.63
CA THR A 13 1.84 2.00 -16.37
C THR A 13 3.16 2.72 -16.60
N GLY A 14 4.21 2.32 -15.90
CA GLY A 14 5.48 3.04 -16.05
C GLY A 14 6.67 2.15 -16.32
N GLY A 15 7.67 2.74 -16.93
CA GLY A 15 8.90 2.00 -17.23
C GLY A 15 10.09 2.91 -17.29
N TYR A 16 11.28 2.35 -17.25
CA TYR A 16 12.51 3.16 -17.34
C TYR A 16 12.84 3.44 -18.81
N ASN A 17 12.81 4.68 -19.22
CA ASN A 17 13.25 4.97 -20.60
C ASN A 17 14.76 4.67 -20.57
N SER A 18 15.34 4.17 -21.66
CA SER A 18 16.81 3.94 -21.65
C SER A 18 17.48 5.16 -22.28
N GLU A 19 16.93 5.58 -23.43
CA GLU A 19 17.41 6.76 -24.18
C GLU A 19 17.42 7.93 -23.20
N SER A 20 16.26 8.33 -22.69
CA SER A 20 16.27 9.39 -21.66
C SER A 20 16.38 8.68 -20.31
N LYS A 21 16.98 9.32 -19.31
CA LYS A 21 17.08 8.55 -18.05
C LYS A 21 15.88 8.91 -17.16
N THR A 22 14.67 8.56 -17.61
CA THR A 22 13.46 8.95 -16.84
C THR A 22 12.46 7.79 -16.64
N LEU A 23 11.61 7.92 -15.62
CA LEU A 23 10.50 6.97 -15.38
C LEU A 23 9.34 7.47 -16.24
N ASP A 24 8.98 6.73 -17.28
CA ASP A 24 7.95 7.23 -18.24
C ASP A 24 6.59 6.59 -17.97
N TRP A 25 5.56 7.43 -17.86
CA TRP A 25 4.17 6.96 -17.66
C TRP A 25 3.51 6.79 -19.03
N ARG A 26 2.79 5.70 -19.21
CA ARG A 26 2.11 5.39 -20.49
C ARG A 26 0.63 5.23 -20.20
N ASP A 27 -0.20 5.70 -21.10
CA ASP A 27 -1.66 5.56 -20.89
C ASP A 27 -2.23 4.56 -21.90
N ASP A 28 -1.36 3.84 -22.61
CA ASP A 28 -1.82 2.94 -23.70
C ASP A 28 -1.22 1.54 -23.61
N GLN A 29 -0.70 1.13 -22.47
CA GLN A 29 -0.10 -0.22 -22.41
C GLN A 29 -0.82 -1.01 -21.33
N ASP A 30 -0.85 -2.33 -21.44
CA ASP A 30 -1.47 -3.19 -20.39
C ASP A 30 -2.88 -2.74 -20.00
N GLN A 31 -3.12 -2.60 -18.69
CA GLN A 31 -4.46 -2.27 -18.15
C GLN A 31 -4.64 -0.77 -17.93
N ALA A 32 -3.98 0.04 -18.74
CA ALA A 32 -4.04 1.52 -18.63
C ALA A 32 -5.32 2.04 -19.28
N PHE A 33 -5.84 3.14 -18.78
CA PHE A 33 -7.06 3.74 -19.34
C PHE A 33 -7.20 5.18 -18.85
N SER A 34 -7.98 5.96 -19.57
CA SER A 34 -8.29 7.38 -19.30
C SER A 34 -9.80 7.49 -19.33
N SER A 35 -10.39 8.26 -18.44
CA SER A 35 -11.86 8.43 -18.46
C SER A 35 -12.22 9.74 -17.75
N GLY A 36 -13.22 10.44 -18.27
CA GLY A 36 -13.80 11.64 -17.64
C GLY A 36 -12.94 12.89 -17.55
N GLY A 37 -11.91 13.06 -18.37
CA GLY A 37 -11.16 14.30 -18.27
C GLY A 37 -9.79 14.15 -17.64
N LEU A 38 -9.55 13.07 -16.90
CA LEU A 38 -8.20 12.86 -16.36
C LEU A 38 -7.31 12.47 -17.55
N LYS A 39 -6.19 13.16 -17.74
CA LYS A 39 -5.33 12.90 -18.92
C LYS A 39 -3.86 13.00 -18.56
N LEU A 40 -3.03 12.38 -19.39
CA LEU A 40 -1.57 12.38 -19.19
C LEU A 40 -0.97 13.37 -20.18
N VAL A 41 -0.25 14.37 -19.68
CA VAL A 41 0.43 15.40 -20.51
C VAL A 41 1.81 15.53 -19.93
N ASN A 42 2.80 14.97 -20.61
CA ASN A 42 4.24 14.81 -20.24
C ASN A 42 4.33 13.63 -19.30
N ARG A 43 4.87 13.83 -18.11
CA ARG A 43 4.82 12.71 -17.16
C ARG A 43 3.92 13.20 -16.04
N GLU A 44 2.87 13.94 -16.38
CA GLU A 44 2.00 14.53 -15.33
C GLU A 44 0.55 14.22 -15.60
N ILE A 45 -0.22 13.96 -14.54
CA ILE A 45 -1.69 13.73 -14.66
C ILE A 45 -2.37 15.08 -14.46
N ILE A 46 -3.13 15.52 -15.46
CA ILE A 46 -3.81 16.83 -15.42
C ILE A 46 -5.16 16.71 -14.78
N ILE A 47 -5.46 17.52 -13.77
CA ILE A 47 -6.77 17.45 -13.06
C ILE A 47 -7.77 18.33 -13.79
N PRO A 48 -8.97 17.79 -14.36
CA PRO A 48 -10.29 18.35 -15.24
C PRO A 48 -10.99 19.41 -14.39
N ASP A 49 -11.36 19.07 -13.17
CA ASP A 49 -12.21 19.94 -12.33
C ASP A 49 -11.71 19.96 -10.90
N ASP A 50 -12.25 20.87 -10.09
CA ASP A 50 -11.93 20.96 -8.66
C ASP A 50 -12.65 19.81 -7.97
N GLY A 51 -12.09 19.26 -6.92
CA GLY A 51 -12.78 18.14 -6.28
C GLY A 51 -11.84 17.28 -5.50
N ILE A 52 -12.37 16.21 -4.93
CA ILE A 52 -11.53 15.27 -4.16
C ILE A 52 -11.17 14.12 -5.07
N TYR A 53 -9.91 13.77 -5.09
CA TYR A 53 -9.45 12.68 -5.96
C TYR A 53 -8.62 11.73 -5.12
N PHE A 54 -8.73 10.45 -5.41
CA PHE A 54 -7.84 9.47 -4.76
C PHE A 54 -6.61 9.35 -5.66
N VAL A 55 -5.43 9.43 -5.08
CA VAL A 55 -4.16 9.39 -5.83
C VAL A 55 -3.36 8.18 -5.37
N TYR A 56 -2.78 7.44 -6.29
CA TYR A 56 -1.96 6.27 -5.89
C TYR A 56 -0.81 6.10 -6.86
N SER A 57 0.24 5.42 -6.43
CA SER A 57 1.43 5.12 -7.26
C SER A 57 2.23 3.99 -6.63
N GLN A 58 2.70 3.08 -7.46
CA GLN A 58 3.57 1.98 -7.02
C GLN A 58 4.80 1.96 -7.93
N VAL A 59 5.97 1.69 -7.36
CA VAL A 59 7.19 1.52 -8.18
C VAL A 59 7.86 0.21 -7.74
N SER A 60 8.30 -0.59 -8.70
CA SER A 60 8.95 -1.88 -8.40
C SER A 60 10.41 -1.84 -8.86
N LEU A 61 11.32 -2.34 -8.03
CA LEU A 61 12.75 -2.37 -8.40
C LEU A 61 13.36 -3.73 -8.14
N HIS A 62 14.30 -4.12 -8.99
CA HIS A 62 15.22 -5.26 -8.75
C HIS A 62 16.60 -4.65 -8.86
N ILE A 63 17.37 -4.64 -7.79
CA ILE A 63 18.71 -4.00 -7.83
C ILE A 63 19.82 -5.04 -7.74
N SER A 64 20.91 -4.81 -8.48
CA SER A 64 22.12 -5.68 -8.46
C SER A 64 22.65 -5.74 -7.03
N CYS A 65 22.66 -4.55 -6.42
CA CYS A 65 23.02 -4.14 -5.04
C CYS A 65 24.46 -3.61 -4.92
N THR A 66 25.45 -4.52 -4.92
CA THR A 66 26.91 -4.24 -4.76
C THR A 66 27.27 -3.77 -3.35
N SER A 67 28.43 -3.15 -3.23
CA SER A 67 29.02 -2.75 -1.93
C SER A 67 29.08 -1.23 -1.91
N GLU A 68 29.57 -0.68 -3.02
CA GLU A 68 29.71 0.77 -3.24
C GLU A 68 28.43 1.46 -2.81
N LEU A 69 27.32 1.08 -3.46
CA LEU A 69 25.94 1.62 -3.30
C LEU A 69 25.22 0.88 -2.17
N THR A 70 25.97 0.55 -1.12
CA THR A 70 25.43 -0.08 0.11
C THR A 70 25.96 0.78 1.24
N GLU A 71 27.25 1.13 1.09
CA GLU A 71 28.01 1.99 2.02
C GLU A 71 27.66 3.44 1.70
N GLU A 72 27.05 3.66 0.53
CA GLU A 72 26.57 5.01 0.19
C GLU A 72 25.31 5.26 1.03
N GLN A 73 24.70 4.16 1.45
CA GLN A 73 23.46 4.09 2.24
C GLN A 73 22.33 4.76 1.45
N VAL A 74 22.23 4.41 0.17
CA VAL A 74 21.15 5.03 -0.64
C VAL A 74 19.83 4.36 -0.26
N LEU A 75 18.73 5.09 -0.38
CA LEU A 75 17.45 4.50 0.03
C LEU A 75 16.44 4.71 -1.08
N MET A 76 15.41 3.86 -1.11
CA MET A 76 14.34 3.90 -2.12
C MET A 76 13.37 5.00 -1.69
N SER A 77 13.12 5.97 -2.56
CA SER A 77 12.13 7.04 -2.25
C SER A 77 11.12 7.21 -3.40
N HIS A 78 9.83 7.15 -3.08
CA HIS A 78 8.79 7.39 -4.12
C HIS A 78 7.82 8.46 -3.62
N ALA A 79 7.58 9.49 -4.41
CA ALA A 79 6.69 10.58 -3.99
C ALA A 79 5.83 11.02 -5.16
N VAL A 80 4.72 11.68 -4.87
CA VAL A 80 3.85 12.24 -5.94
C VAL A 80 3.89 13.74 -5.72
N MET A 81 4.22 14.52 -6.74
CA MET A 81 4.31 15.96 -6.47
C MET A 81 3.13 16.65 -7.13
N ARG A 82 2.71 17.76 -6.57
CA ARG A 82 1.58 18.52 -7.12
C ARG A 82 2.09 19.86 -7.60
N PHE A 83 1.70 20.21 -8.82
CA PHE A 83 2.04 21.54 -9.37
C PHE A 83 0.74 22.32 -9.37
N SER A 84 0.72 23.45 -8.69
CA SER A 84 -0.51 24.28 -8.68
C SER A 84 -0.14 25.76 -8.81
N GLU A 85 -0.91 26.52 -9.59
CA GLU A 85 -0.72 27.97 -9.70
C GLU A 85 -1.08 28.56 -8.34
N SER A 86 -2.00 27.91 -7.65
CA SER A 86 -2.47 28.33 -6.31
C SER A 86 -1.35 28.17 -5.28
N TYR A 87 -0.25 27.54 -5.66
CA TYR A 87 0.85 27.41 -4.68
C TYR A 87 2.12 27.99 -5.26
N GLY A 88 3.23 27.69 -4.60
CA GLY A 88 4.56 28.12 -5.05
C GLY A 88 5.04 27.19 -6.14
N GLY A 89 5.95 26.29 -5.80
CA GLY A 89 6.46 25.34 -6.81
C GLY A 89 5.76 24.00 -6.73
N LYS A 90 6.54 22.92 -6.66
CA LYS A 90 5.90 21.60 -6.54
C LYS A 90 5.82 21.27 -5.05
N LYS A 91 4.74 20.64 -4.62
CA LYS A 91 4.62 20.26 -3.20
C LYS A 91 4.30 18.77 -3.19
N PRO A 92 4.89 17.84 -2.25
CA PRO A 92 4.82 16.21 -1.92
C PRO A 92 3.35 16.05 -1.53
N LEU A 93 2.58 15.30 -2.29
CA LEU A 93 1.22 15.03 -1.81
C LEU A 93 1.48 14.03 -0.69
N PHE A 94 2.39 13.12 -0.95
CA PHE A 94 2.84 12.09 0.00
C PHE A 94 4.16 11.50 -0.51
N SER A 95 4.83 10.74 0.32
CA SER A 95 6.13 10.13 -0.07
C SER A 95 6.37 8.88 0.74
N ALA A 96 7.18 7.97 0.22
CA ALA A 96 7.55 6.77 1.00
C ALA A 96 9.01 6.46 0.73
N ILE A 97 9.76 6.19 1.80
CA ILE A 97 11.22 5.92 1.73
C ILE A 97 11.49 4.52 2.25
N ARG A 98 12.48 3.84 1.71
CA ARG A 98 12.75 2.47 2.20
C ARG A 98 14.24 2.14 2.09
N SER A 99 14.79 1.51 3.13
CA SER A 99 16.23 1.14 3.12
C SER A 99 16.44 0.04 2.08
N ILE A 100 17.37 0.22 1.15
CA ILE A 100 17.60 -0.84 0.13
C ILE A 100 18.82 -1.71 0.46
N CYS A 101 18.91 -2.85 -0.22
CA CYS A 101 20.01 -3.83 -0.07
C CYS A 101 20.24 -4.17 1.40
N THR A 102 19.39 -4.94 2.07
CA THR A 102 19.65 -5.12 3.54
C THR A 102 20.30 -6.47 3.85
N GLN A 103 21.07 -6.99 2.88
CA GLN A 103 21.79 -8.30 2.95
C GLN A 103 23.30 -8.08 2.94
N GLU A 104 24.09 -9.13 3.15
CA GLU A 104 25.58 -9.01 3.08
C GLU A 104 25.97 -9.01 1.60
N PRO A 105 26.81 -7.98 1.06
CA PRO A 105 27.46 -7.49 -0.44
C PRO A 105 28.27 -8.46 -1.30
N GLU A 106 29.36 -9.06 -0.79
CA GLU A 106 30.22 -9.94 -1.65
C GLU A 106 29.38 -11.02 -2.35
N SER A 107 28.63 -12.06 -1.49
CA SER A 107 27.61 -12.88 -2.19
C SER A 107 26.53 -11.97 -2.79
N GLU A 108 26.11 -12.23 -4.02
CA GLU A 108 25.08 -11.36 -4.64
C GLU A 108 23.68 -11.96 -4.46
N ASN A 109 22.78 -12.38 -5.14
CA ASN A 109 21.46 -12.32 -5.73
C ASN A 109 20.99 -10.86 -5.82
N LEU A 110 20.11 -10.59 -6.78
CA LEU A 110 19.41 -9.29 -6.97
C LEU A 110 18.40 -9.07 -5.83
N TRP A 111 18.30 -7.82 -5.37
CA TRP A 111 17.38 -7.37 -4.29
C TRP A 111 16.14 -6.72 -4.90
N TYR A 112 14.96 -7.25 -4.53
CA TYR A 112 13.67 -6.79 -5.08
C TYR A 112 12.82 -6.08 -4.03
N ASN A 113 12.29 -4.91 -4.38
CA ASN A 113 11.35 -4.24 -3.46
C ASN A 113 10.36 -3.35 -4.21
N THR A 114 9.27 -3.00 -3.52
CA THR A 114 8.18 -2.18 -4.09
C THR A 114 7.74 -1.14 -3.08
N ILE A 115 7.28 0.01 -3.56
CA ILE A 115 6.69 1.03 -2.67
C ILE A 115 5.35 1.42 -3.28
N TYR A 116 4.30 1.32 -2.47
CA TYR A 116 2.93 1.70 -2.89
C TYR A 116 2.37 2.78 -1.97
N LEU A 117 1.78 3.83 -2.56
CA LEU A 117 1.16 5.01 -1.88
C LEU A 117 -0.24 5.32 -2.45
N GLY A 118 -1.22 5.62 -1.61
CA GLY A 118 -2.55 6.02 -2.10
C GLY A 118 -3.25 6.86 -1.07
N ALA A 119 -3.88 7.96 -1.47
CA ALA A 119 -4.60 8.82 -0.50
C ALA A 119 -5.54 9.74 -1.24
N ALA A 120 -6.52 10.26 -0.52
CA ALA A 120 -7.50 11.22 -1.06
C ALA A 120 -7.02 12.64 -0.76
N PHE A 121 -7.17 13.54 -1.73
CA PHE A 121 -6.69 14.94 -1.63
C PHE A 121 -7.66 15.86 -2.35
N HIS A 122 -7.76 17.09 -1.88
CA HIS A 122 -8.59 18.09 -2.58
C HIS A 122 -7.70 18.79 -3.60
N LEU A 123 -8.06 18.72 -4.86
CA LEU A 123 -7.22 19.29 -5.94
C LEU A 123 -8.03 20.31 -6.74
N ARG A 124 -7.35 21.10 -7.55
CA ARG A 124 -8.02 22.17 -8.30
C ARG A 124 -7.89 21.93 -9.80
N GLU A 125 -8.78 22.52 -10.58
CA GLU A 125 -8.76 22.41 -12.05
C GLU A 125 -7.41 22.96 -12.54
N GLY A 126 -6.70 22.21 -13.38
CA GLY A 126 -5.42 22.64 -13.94
C GLY A 126 -4.24 22.15 -13.14
N ASP A 127 -4.50 21.42 -12.06
CA ASP A 127 -3.41 20.92 -11.20
C ASP A 127 -2.69 19.79 -11.94
N ARG A 128 -1.42 19.57 -11.64
CA ARG A 128 -0.65 18.55 -12.37
C ARG A 128 0.05 17.65 -11.36
N LEU A 129 -0.05 16.34 -11.55
CA LEU A 129 0.58 15.40 -10.62
C LEU A 129 1.69 14.65 -11.33
N GLY A 130 2.83 14.56 -10.70
CA GLY A 130 3.96 13.80 -11.24
C GLY A 130 4.57 12.93 -10.19
N THR A 131 5.51 12.09 -10.58
CA THR A 131 6.18 11.26 -9.56
C THR A 131 7.61 11.74 -9.39
N ASP A 132 8.23 11.29 -8.32
CA ASP A 132 9.61 11.65 -7.96
C ASP A 132 10.22 10.41 -7.36
N THR A 133 11.07 9.74 -8.11
CA THR A 133 11.71 8.51 -7.63
C THR A 133 13.21 8.76 -7.52
N THR A 134 13.87 8.10 -6.57
CA THR A 134 15.35 8.18 -6.43
C THR A 134 15.96 8.00 -7.80
N THR A 135 16.62 9.04 -8.31
CA THR A 135 17.15 9.06 -9.71
C THR A 135 18.19 7.98 -9.97
N ALA A 136 18.89 7.56 -8.94
CA ALA A 136 19.92 6.52 -9.10
C ALA A 136 19.23 5.21 -9.43
N LEU A 137 18.07 4.95 -8.83
CA LEU A 137 17.37 3.67 -8.97
C LEU A 137 16.49 3.61 -10.20
N LEU A 138 16.32 4.71 -10.92
CA LEU A 138 15.45 4.74 -12.11
C LEU A 138 15.75 3.57 -13.07
N PRO A 139 17.06 3.16 -13.48
CA PRO A 139 17.75 1.96 -14.43
C PRO A 139 17.09 0.67 -13.91
N MET A 140 16.70 0.61 -12.64
CA MET A 140 16.19 -0.72 -12.16
C MET A 140 14.69 -0.82 -11.89
N VAL A 141 13.87 0.09 -12.41
CA VAL A 141 12.39 0.01 -12.26
C VAL A 141 11.89 -1.10 -13.19
N GLU A 142 11.06 -2.00 -12.69
CA GLU A 142 10.46 -3.07 -13.53
C GLU A 142 9.36 -2.47 -14.39
N ASN A 143 9.28 -2.85 -15.65
CA ASN A 143 8.26 -2.21 -16.49
C ASN A 143 7.23 -3.25 -16.92
N ASP A 144 7.42 -4.49 -16.48
CA ASP A 144 6.54 -5.60 -16.89
C ASP A 144 5.37 -5.74 -15.93
N ASN A 145 4.29 -6.33 -16.44
CA ASN A 145 3.02 -6.57 -15.70
C ASN A 145 2.51 -5.24 -15.19
N GLY A 146 1.95 -5.24 -13.99
CA GLY A 146 1.58 -3.93 -13.46
C GLY A 146 2.41 -3.70 -12.23
N LYS A 147 3.72 -3.75 -12.37
CA LYS A 147 4.55 -3.57 -11.16
C LYS A 147 4.73 -2.09 -10.84
N THR A 148 4.70 -1.23 -11.85
CA THR A 148 4.98 0.20 -11.70
C THR A 148 3.82 0.98 -12.30
N PHE A 149 3.11 1.76 -11.51
CA PHE A 149 1.93 2.47 -12.06
C PHE A 149 1.63 3.74 -11.27
N PHE A 150 0.75 4.55 -11.86
CA PHE A 150 0.34 5.85 -11.31
C PHE A 150 -1.13 6.05 -11.68
N GLY A 151 -1.98 6.44 -10.73
CA GLY A 151 -3.39 6.61 -11.09
C GLY A 151 -4.13 7.54 -10.17
N VAL A 152 -5.21 8.09 -10.69
CA VAL A 152 -6.06 9.10 -10.00
C VAL A 152 -7.52 8.83 -10.35
N PHE A 153 -8.42 8.97 -9.39
CA PHE A 153 -9.85 8.85 -9.69
C PHE A 153 -10.60 9.84 -8.82
N GLY A 154 -11.67 10.38 -9.38
CA GLY A 154 -12.49 11.33 -8.64
C GLY A 154 -13.34 10.61 -7.64
N LEU A 155 -13.49 11.19 -6.45
CA LEU A 155 -14.33 10.62 -5.39
C LEU A 155 -15.72 11.19 -5.58
N ALA B 8 -22.04 -1.16 -4.36
CA ALA B 8 -21.27 -2.22 -5.06
C ALA B 8 -19.86 -2.32 -4.51
N ALA B 9 -19.63 -3.25 -3.61
CA ALA B 9 -18.34 -3.38 -2.95
C ALA B 9 -18.19 -4.78 -2.38
N ILE B 10 -16.99 -5.29 -2.38
CA ILE B 10 -16.81 -6.63 -1.76
C ILE B 10 -15.49 -6.66 -0.99
N HIS B 11 -15.52 -7.19 0.22
CA HIS B 11 -14.28 -7.34 1.00
C HIS B 11 -14.15 -8.80 1.44
N LEU B 12 -13.07 -9.46 1.04
CA LEU B 12 -12.86 -10.89 1.39
C LEU B 12 -11.63 -11.01 2.28
N THR B 13 -11.67 -11.96 3.21
CA THR B 13 -10.54 -12.30 4.07
C THR B 13 -9.97 -13.62 3.55
N GLY B 14 -8.69 -13.81 3.65
CA GLY B 14 -8.17 -15.08 3.13
C GLY B 14 -7.19 -15.73 4.06
N GLY B 15 -7.18 -17.05 4.01
CA GLY B 15 -6.26 -17.86 4.81
C GLY B 15 -5.78 -19.02 3.98
N TYR B 16 -4.65 -19.58 4.36
CA TYR B 16 -4.14 -20.77 3.66
C TYR B 16 -5.05 -21.94 3.98
N ASN B 17 -5.38 -22.71 2.96
CA ASN B 17 -6.23 -23.91 3.12
C ASN B 17 -5.32 -25.14 3.01
N SER B 18 -5.01 -25.77 4.13
CA SER B 18 -4.10 -26.94 4.16
C SER B 18 -4.63 -28.08 3.28
N GLU B 19 -5.94 -28.19 3.18
CA GLU B 19 -6.54 -29.26 2.35
C GLU B 19 -6.40 -28.90 0.87
N SER B 20 -6.97 -27.79 0.42
CA SER B 20 -6.91 -27.48 -1.03
C SER B 20 -5.55 -26.91 -1.41
N LYS B 21 -4.80 -26.43 -0.42
CA LYS B 21 -3.46 -25.82 -0.60
C LYS B 21 -3.61 -24.57 -1.47
N THR B 22 -4.50 -23.69 -1.08
CA THR B 22 -4.75 -22.43 -1.81
C THR B 22 -4.98 -21.29 -0.81
N LEU B 23 -4.87 -20.05 -1.27
CA LEU B 23 -5.24 -18.88 -0.45
C LEU B 23 -6.76 -18.79 -0.60
N ASP B 24 -7.47 -19.24 0.42
CA ASP B 24 -8.95 -19.37 0.36
C ASP B 24 -9.65 -18.09 0.81
N TRP B 25 -10.09 -17.30 -0.15
CA TRP B 25 -10.85 -16.07 0.12
C TRP B 25 -12.26 -16.46 0.53
N ARG B 26 -12.78 -15.88 1.60
CA ARG B 26 -14.14 -16.18 2.06
C ARG B 26 -14.89 -14.88 2.20
N ASP B 27 -16.21 -14.93 2.08
CA ASP B 27 -17.00 -13.70 2.27
C ASP B 27 -17.85 -13.84 3.52
N ASP B 28 -17.56 -14.84 4.34
CA ASP B 28 -18.42 -15.18 5.50
C ASP B 28 -17.68 -15.14 6.83
N GLN B 29 -16.49 -14.58 6.88
CA GLN B 29 -15.74 -14.53 8.16
C GLN B 29 -15.23 -13.13 8.42
N ASP B 30 -14.83 -12.82 9.64
CA ASP B 30 -14.26 -11.51 10.00
C ASP B 30 -15.15 -10.38 9.50
N GLN B 31 -14.57 -9.45 8.77
CA GLN B 31 -15.25 -8.25 8.23
C GLN B 31 -15.59 -8.43 6.76
N ALA B 32 -15.75 -9.67 6.30
CA ALA B 32 -16.06 -9.93 4.89
C ALA B 32 -17.51 -9.56 4.57
N PHE B 33 -17.76 -9.05 3.38
CA PHE B 33 -19.11 -8.65 2.97
C PHE B 33 -19.16 -8.59 1.44
N SER B 34 -20.35 -8.81 0.88
CA SER B 34 -20.60 -8.71 -0.57
C SER B 34 -21.80 -7.82 -0.76
N SER B 35 -21.76 -6.88 -1.68
CA SER B 35 -22.91 -6.00 -1.87
C SER B 35 -22.98 -5.51 -3.31
N GLY B 36 -24.20 -5.17 -3.77
CA GLY B 36 -24.51 -4.60 -5.08
C GLY B 36 -24.16 -5.44 -6.28
N GLY B 37 -24.07 -6.76 -6.17
CA GLY B 37 -23.75 -7.52 -7.37
C GLY B 37 -22.40 -8.16 -7.39
N LEU B 38 -21.40 -7.62 -6.71
CA LEU B 38 -20.05 -8.20 -6.63
C LEU B 38 -20.16 -9.47 -5.78
N LYS B 39 -19.61 -10.59 -6.24
CA LYS B 39 -19.69 -11.84 -5.45
C LYS B 39 -18.46 -12.71 -5.69
N LEU B 40 -18.21 -13.57 -4.72
CA LEU B 40 -17.12 -14.54 -4.70
C LEU B 40 -17.67 -15.86 -5.22
N VAL B 41 -17.01 -16.41 -6.23
CA VAL B 41 -17.36 -17.69 -6.88
C VAL B 41 -16.05 -18.42 -7.15
N ASN B 42 -15.78 -19.47 -6.38
CA ASN B 42 -14.60 -20.35 -6.55
C ASN B 42 -13.28 -19.57 -6.56
N ARG B 43 -13.05 -18.78 -5.53
CA ARG B 43 -11.84 -17.97 -5.28
C ARG B 43 -11.68 -16.77 -6.21
N GLU B 44 -12.71 -16.42 -6.97
CA GLU B 44 -12.61 -15.26 -7.87
C GLU B 44 -13.74 -14.30 -7.60
N ILE B 45 -13.47 -13.02 -7.78
CA ILE B 45 -14.53 -11.99 -7.62
C ILE B 45 -15.14 -11.81 -9.00
N ILE B 46 -16.44 -11.97 -9.12
CA ILE B 46 -17.10 -11.85 -10.44
C ILE B 46 -17.56 -10.42 -10.62
N ILE B 47 -17.22 -9.79 -11.73
CA ILE B 47 -17.63 -8.38 -11.97
C ILE B 47 -19.05 -8.40 -12.55
N PRO B 48 -20.16 -7.75 -11.91
CA PRO B 48 -21.80 -7.55 -12.18
C PRO B 48 -21.94 -6.77 -13.49
N ASP B 49 -21.19 -5.70 -13.66
CA ASP B 49 -21.40 -4.79 -14.82
C ASP B 49 -20.10 -4.22 -15.34
N ASP B 50 -20.17 -3.58 -16.51
CA ASP B 50 -19.03 -2.87 -17.12
C ASP B 50 -18.82 -1.61 -16.31
N GLY B 51 -17.59 -1.15 -16.15
CA GLY B 51 -17.39 0.06 -15.36
C GLY B 51 -16.04 0.12 -14.72
N ILE B 52 -15.81 1.17 -13.95
CA ILE B 52 -14.48 1.33 -13.31
C ILE B 52 -14.53 0.83 -11.87
N TYR B 53 -13.55 0.03 -11.52
CA TYR B 53 -13.52 -0.52 -10.15
C TYR B 53 -12.14 -0.34 -9.52
N PHE B 54 -12.15 -0.04 -8.23
CA PHE B 54 -10.91 0.00 -7.45
C PHE B 54 -10.68 -1.41 -6.93
N VAL B 55 -9.50 -1.95 -7.13
CA VAL B 55 -9.15 -3.33 -6.72
C VAL B 55 -8.00 -3.23 -5.73
N TYR B 56 -8.03 -4.00 -4.67
CA TYR B 56 -6.97 -4.00 -3.64
C TYR B 56 -6.78 -5.39 -3.03
N SER B 57 -5.61 -5.64 -2.46
CA SER B 57 -5.31 -6.93 -1.79
C SER B 57 -4.13 -6.80 -0.83
N GLN B 58 -4.22 -7.40 0.33
CA GLN B 58 -3.06 -7.44 1.25
C GLN B 58 -2.75 -8.89 1.60
N VAL B 59 -1.50 -9.27 1.60
CA VAL B 59 -1.14 -10.64 2.01
C VAL B 59 -0.14 -10.52 3.15
N SER B 60 -0.40 -11.20 4.25
CA SER B 60 0.51 -11.14 5.43
C SER B 60 1.22 -12.48 5.59
N LEU B 61 2.54 -12.44 5.71
CA LEU B 61 3.33 -13.69 5.83
C LEU B 61 4.17 -13.71 7.10
N HIS B 62 4.33 -14.87 7.72
CA HIS B 62 5.35 -15.06 8.79
C HIS B 62 6.27 -16.15 8.27
N ILE B 63 7.43 -15.77 7.76
CA ILE B 63 8.34 -16.77 7.14
C ILE B 63 9.32 -17.37 8.16
N SER B 64 9.47 -18.68 8.06
CA SER B 64 10.41 -19.51 8.84
C SER B 64 11.84 -19.04 8.57
N CYS B 65 12.13 -18.96 7.27
CA CYS B 65 13.35 -18.47 6.57
C CYS B 65 14.43 -19.54 6.45
N THR B 66 14.84 -20.14 7.57
CA THR B 66 15.84 -21.24 7.57
C THR B 66 17.15 -20.81 6.87
N SER B 67 17.85 -21.80 6.28
CA SER B 67 19.17 -21.71 5.59
C SER B 67 19.05 -22.51 4.28
N GLU B 68 18.35 -23.64 4.50
CA GLU B 68 17.96 -24.74 3.61
C GLU B 68 16.72 -24.34 2.80
N LEU B 69 15.85 -23.46 3.31
CA LEU B 69 14.71 -22.99 2.46
C LEU B 69 15.16 -21.69 1.78
N THR B 70 16.35 -21.23 2.16
CA THR B 70 16.96 -19.99 1.65
C THR B 70 17.94 -20.37 0.53
N GLU B 71 18.99 -19.57 0.34
CA GLU B 71 19.99 -19.79 -0.74
C GLU B 71 19.21 -19.79 -2.06
N GLU B 72 18.55 -20.91 -2.40
CA GLU B 72 17.66 -20.87 -3.58
C GLU B 72 16.70 -19.70 -3.34
N GLN B 73 16.95 -18.59 -4.02
CA GLN B 73 16.24 -17.28 -3.91
C GLN B 73 14.73 -17.37 -4.14
N VAL B 74 13.93 -17.26 -3.08
CA VAL B 74 12.46 -17.29 -3.24
C VAL B 74 11.96 -15.87 -3.00
N LEU B 75 10.97 -15.40 -3.74
CA LEU B 75 10.57 -13.99 -3.52
C LEU B 75 9.12 -13.88 -3.07
N MET B 76 8.80 -12.81 -2.37
CA MET B 76 7.39 -12.59 -2.01
C MET B 76 6.73 -11.92 -3.22
N SER B 77 5.80 -12.61 -3.86
CA SER B 77 5.08 -12.04 -5.03
C SER B 77 3.57 -12.21 -4.85
N HIS B 78 2.83 -11.12 -5.04
CA HIS B 78 1.36 -11.12 -4.91
C HIS B 78 0.78 -10.39 -6.10
N ALA B 79 -0.16 -11.01 -6.82
CA ALA B 79 -0.73 -10.37 -8.01
C ALA B 79 -2.24 -10.55 -8.05
N VAL B 80 -2.90 -9.73 -8.84
CA VAL B 80 -4.36 -9.85 -9.11
C VAL B 80 -4.45 -10.10 -10.61
N MET B 81 -5.04 -11.22 -10.99
CA MET B 81 -5.15 -11.63 -12.40
C MET B 81 -6.57 -11.37 -12.87
N ARG B 82 -6.73 -10.96 -14.12
CA ARG B 82 -8.08 -10.69 -14.65
C ARG B 82 -8.40 -11.72 -15.73
N PHE B 83 -9.57 -12.31 -15.61
CA PHE B 83 -10.11 -13.27 -16.59
C PHE B 83 -11.30 -12.57 -17.21
N SER B 84 -11.39 -12.59 -18.52
CA SER B 84 -12.48 -11.85 -19.19
C SER B 84 -12.98 -12.68 -20.35
N GLU B 85 -14.26 -12.56 -20.67
CA GLU B 85 -14.81 -13.22 -21.88
C GLU B 85 -14.30 -12.53 -23.14
N SER B 86 -13.59 -11.42 -22.96
CA SER B 86 -13.09 -10.62 -24.10
C SER B 86 -11.73 -11.09 -24.59
N TYR B 87 -11.14 -12.07 -23.90
CA TYR B 87 -9.81 -12.55 -24.32
C TYR B 87 -9.55 -13.96 -23.79
N GLY B 88 -8.40 -14.47 -24.23
CA GLY B 88 -7.85 -15.81 -24.01
C GLY B 88 -7.85 -16.34 -22.60
N GLY B 89 -6.74 -16.19 -21.89
CA GLY B 89 -6.68 -16.71 -20.51
C GLY B 89 -6.75 -15.59 -19.50
N LYS B 90 -5.63 -15.29 -18.86
CA LYS B 90 -5.58 -14.23 -17.83
C LYS B 90 -4.49 -13.22 -18.15
N LYS B 91 -4.65 -12.00 -17.65
CA LYS B 91 -3.66 -10.91 -17.78
C LYS B 91 -3.55 -10.32 -16.38
N PRO B 92 -2.32 -9.96 -15.74
CA PRO B 92 -1.84 -9.31 -14.26
C PRO B 92 -2.53 -7.95 -14.34
N LEU B 93 -3.39 -7.63 -13.37
CA LEU B 93 -3.96 -6.27 -13.34
C LEU B 93 -2.83 -5.43 -12.76
N PHE B 94 -2.11 -5.99 -11.81
CA PHE B 94 -0.95 -5.42 -11.10
C PHE B 94 -0.32 -6.49 -10.22
N SER B 95 0.88 -6.27 -9.74
CA SER B 95 1.59 -7.25 -8.87
C SER B 95 2.66 -6.53 -8.07
N ALA B 96 3.04 -7.09 -6.94
CA ALA B 96 4.12 -6.52 -6.13
C ALA B 96 5.09 -7.64 -5.80
N ILE B 97 6.36 -7.32 -5.59
CA ILE B 97 7.36 -8.37 -5.36
C ILE B 97 8.34 -7.91 -4.30
N ARG B 98 8.77 -8.81 -3.43
CA ARG B 98 9.75 -8.40 -2.42
C ARG B 98 10.75 -9.52 -2.19
N SER B 99 11.97 -9.16 -1.82
CA SER B 99 13.01 -10.13 -1.44
C SER B 99 12.71 -10.51 0.00
N ILE B 100 12.58 -11.79 0.30
CA ILE B 100 12.27 -12.24 1.69
C ILE B 100 13.57 -12.67 2.38
N CYS B 101 13.50 -12.89 3.69
CA CYS B 101 14.63 -13.40 4.51
C CYS B 101 15.89 -12.55 4.33
N THR B 102 15.89 -11.33 4.86
CA THR B 102 17.12 -10.54 4.64
C THR B 102 17.91 -10.46 5.95
N GLN B 103 17.40 -11.18 6.96
CA GLN B 103 18.05 -11.32 8.28
C GLN B 103 19.12 -12.42 8.16
N GLU B 104 20.00 -12.53 9.16
CA GLU B 104 21.09 -13.55 9.12
C GLU B 104 20.49 -14.94 9.04
N PRO B 105 20.99 -15.94 8.12
CA PRO B 105 20.69 -17.56 7.72
C PRO B 105 20.60 -18.37 9.01
N GLU B 106 21.77 -18.70 9.59
CA GLU B 106 21.82 -19.56 10.81
C GLU B 106 21.03 -18.92 11.96
N SER B 107 21.05 -17.59 12.07
CA SER B 107 20.30 -17.01 13.21
C SER B 107 18.80 -17.27 13.03
N GLU B 108 18.10 -17.45 14.14
CA GLU B 108 16.65 -17.75 14.16
C GLU B 108 15.85 -16.45 14.18
N ASN B 109 14.53 -16.64 14.32
CA ASN B 109 13.34 -15.74 14.38
C ASN B 109 12.49 -15.88 13.12
N LEU B 110 11.19 -15.78 13.32
CA LEU B 110 10.20 -15.80 12.22
C LEU B 110 10.27 -14.42 11.57
N TRP B 111 10.23 -14.34 10.25
CA TRP B 111 10.32 -13.05 9.52
C TRP B 111 8.91 -12.61 9.13
N TYR B 112 8.48 -11.40 9.47
CA TYR B 112 7.12 -10.95 9.09
C TYR B 112 7.15 -9.91 7.98
N ASN B 113 6.33 -10.12 6.98
CA ASN B 113 6.23 -9.09 5.93
C ASN B 113 4.87 -9.13 5.27
N THR B 114 4.31 -7.96 5.06
CA THR B 114 2.94 -7.78 4.51
C THR B 114 3.05 -7.19 3.12
N ILE B 115 2.21 -7.54 2.13
CA ILE B 115 2.27 -6.83 0.82
C ILE B 115 0.88 -6.25 0.50
N TYR B 116 0.79 -4.96 0.22
CA TYR B 116 -0.50 -4.32 -0.11
C TYR B 116 -0.43 -3.57 -1.44
N LEU B 117 -1.43 -3.79 -2.32
CA LEU B 117 -1.62 -3.20 -3.67
C LEU B 117 -3.06 -2.70 -3.86
N GLY B 118 -3.30 -1.58 -4.54
CA GLY B 118 -4.66 -1.09 -4.78
C GLY B 118 -4.72 -0.15 -5.97
N ALA B 119 -5.58 -0.39 -6.95
CA ALA B 119 -5.64 0.52 -8.11
C ALA B 119 -7.02 0.46 -8.79
N ALA B 120 -7.31 1.45 -9.61
CA ALA B 120 -8.58 1.49 -10.37
C ALA B 120 -8.33 0.90 -11.76
N PHE B 121 -9.27 0.10 -12.23
CA PHE B 121 -9.16 -0.56 -13.55
C PHE B 121 -10.51 -0.56 -14.23
N HIS B 122 -10.50 -0.54 -15.55
CA HIS B 122 -11.74 -0.64 -16.34
C HIS B 122 -12.04 -2.12 -16.57
N LEU B 123 -13.20 -2.60 -16.11
CA LEU B 123 -13.55 -4.04 -16.21
C LEU B 123 -14.88 -4.23 -16.93
N ARG B 124 -15.14 -5.46 -17.36
CA ARG B 124 -16.35 -5.80 -18.13
C ARG B 124 -17.25 -6.73 -17.34
N GLU B 125 -18.53 -6.76 -17.69
CA GLU B 125 -19.47 -7.67 -17.01
C GLU B 125 -19.03 -9.11 -17.25
N GLY B 126 -18.97 -9.90 -16.19
CA GLY B 126 -18.60 -11.31 -16.31
C GLY B 126 -17.15 -11.54 -16.06
N ASP B 127 -16.42 -10.46 -15.81
CA ASP B 127 -14.97 -10.53 -15.58
C ASP B 127 -14.71 -11.23 -14.25
N ARG B 128 -13.58 -11.91 -14.15
CA ARG B 128 -13.26 -12.65 -12.91
C ARG B 128 -11.91 -12.22 -12.35
N LEU B 129 -11.85 -11.89 -11.07
CA LEU B 129 -10.54 -11.49 -10.50
C LEU B 129 -10.03 -12.55 -9.53
N GLY B 130 -8.77 -12.92 -9.64
CA GLY B 130 -8.19 -13.89 -8.71
C GLY B 130 -6.84 -13.43 -8.25
N THR B 131 -6.30 -14.08 -7.22
CA THR B 131 -4.95 -13.66 -6.80
C THR B 131 -3.94 -14.73 -7.19
N ASP B 132 -2.68 -14.30 -7.25
CA ASP B 132 -1.55 -15.17 -7.60
C ASP B 132 -0.45 -14.83 -6.62
N THR B 133 -0.22 -15.69 -5.66
CA THR B 133 0.80 -15.47 -4.61
C THR B 133 1.85 -16.58 -4.71
N THR B 134 3.11 -16.27 -4.40
CA THR B 134 4.23 -17.26 -4.38
C THR B 134 3.73 -18.52 -3.67
N THR B 135 3.70 -19.62 -4.41
CA THR B 135 3.14 -20.92 -4.00
C THR B 135 3.89 -21.52 -2.84
N ALA B 136 5.20 -21.32 -2.84
CA ALA B 136 6.05 -21.88 -1.79
C ALA B 136 5.74 -21.22 -0.44
N LEU B 137 5.24 -19.99 -0.45
CA LEU B 137 4.99 -19.20 0.78
C LEU B 137 3.54 -19.24 1.22
N LEU B 138 2.69 -19.89 0.45
CA LEU B 138 1.25 -20.00 0.74
C LEU B 138 1.00 -20.48 2.17
N PRO B 139 1.57 -21.67 2.75
CA PRO B 139 1.55 -22.47 4.24
C PRO B 139 1.72 -21.38 5.30
N MET B 140 2.36 -20.26 4.91
CA MET B 140 2.77 -19.17 5.83
C MET B 140 1.90 -17.92 5.73
N VAL B 141 0.75 -17.98 5.07
CA VAL B 141 -0.18 -16.82 5.00
C VAL B 141 -0.78 -16.67 6.39
N GLU B 142 -1.00 -15.43 6.87
CA GLU B 142 -1.49 -15.22 8.27
C GLU B 142 -2.91 -14.64 8.31
N ASN B 143 -3.98 -15.43 8.41
CA ASN B 143 -5.31 -14.74 8.34
C ASN B 143 -5.95 -14.37 9.67
N ASP B 144 -5.17 -13.84 10.59
CA ASP B 144 -5.72 -13.42 11.90
C ASP B 144 -6.39 -12.05 11.74
N ASN B 145 -7.71 -12.04 11.75
CA ASN B 145 -8.53 -10.79 11.70
C ASN B 145 -8.13 -9.95 10.51
N GLY B 146 -8.37 -10.43 9.29
CA GLY B 146 -8.05 -9.62 8.10
C GLY B 146 -6.64 -9.06 8.08
N LYS B 147 -5.64 -9.92 8.04
CA LYS B 147 -4.30 -9.38 7.84
C LYS B 147 -4.08 -9.60 6.35
N THR B 148 -4.83 -10.56 5.82
CA THR B 148 -4.83 -10.98 4.40
C THR B 148 -6.22 -10.77 3.82
N PHE B 149 -6.36 -9.90 2.83
CA PHE B 149 -7.71 -9.59 2.32
C PHE B 149 -7.69 -9.26 0.83
N PHE B 150 -8.86 -9.29 0.22
CA PHE B 150 -9.06 -9.04 -1.21
C PHE B 150 -10.38 -8.26 -1.37
N GLY B 151 -10.34 -7.11 -2.03
CA GLY B 151 -11.60 -6.37 -2.15
C GLY B 151 -11.69 -5.56 -3.40
N VAL B 152 -12.91 -5.33 -3.84
CA VAL B 152 -13.23 -4.58 -5.08
C VAL B 152 -14.42 -3.66 -4.82
N PHE B 153 -14.39 -2.44 -5.32
CA PHE B 153 -15.59 -1.59 -5.22
C PHE B 153 -15.70 -0.81 -6.52
N GLY B 154 -16.92 -0.54 -6.91
CA GLY B 154 -17.15 0.24 -8.12
C GLY B 154 -16.98 1.70 -7.84
N LEU B 155 -16.43 2.42 -8.80
CA LEU B 155 -16.23 3.87 -8.67
C LEU B 155 -17.51 4.58 -9.12
N ALA C 8 -18.19 12.62 1.68
CA ALA C 8 -17.46 12.37 2.95
C ALA C 8 -16.01 11.97 2.65
N ALA C 9 -15.05 12.84 2.90
CA ALA C 9 -13.66 12.41 2.70
C ALA C 9 -12.81 13.10 3.74
N ILE C 10 -11.74 12.46 4.17
CA ILE C 10 -10.87 13.14 5.15
C ILE C 10 -9.48 12.53 5.01
N HIS C 11 -8.47 13.38 5.04
CA HIS C 11 -7.05 12.98 4.98
C HIS C 11 -6.32 13.74 6.07
N LEU C 12 -5.63 13.01 6.96
CA LEU C 12 -4.90 13.66 8.05
C LEU C 12 -3.42 13.37 7.88
N THR C 13 -2.60 14.31 8.34
CA THR C 13 -1.14 14.17 8.37
C THR C 13 -0.78 13.97 9.84
N GLY C 14 0.26 13.21 10.11
CA GLY C 14 0.48 12.92 11.52
C GLY C 14 1.91 13.01 11.94
N GLY C 15 2.11 13.15 13.25
CA GLY C 15 3.45 13.21 13.81
C GLY C 15 3.49 12.71 15.23
N TYR C 16 4.69 12.44 15.72
CA TYR C 16 4.90 12.03 17.12
C TYR C 16 4.87 13.28 17.99
N ASN C 17 4.30 13.26 19.19
CA ASN C 17 4.22 14.48 20.04
C ASN C 17 5.23 14.36 21.20
N SER C 18 5.86 15.42 21.69
CA SER C 18 6.74 15.12 22.85
C SER C 18 5.92 14.94 24.12
N GLU C 19 5.05 15.90 24.45
CA GLU C 19 4.24 15.86 25.70
C GLU C 19 3.40 14.58 25.76
N SER C 20 2.45 14.42 24.84
CA SER C 20 1.63 13.18 24.83
C SER C 20 2.48 12.12 24.13
N LYS C 21 2.58 10.92 24.70
CA LYS C 21 3.39 9.91 23.99
C LYS C 21 2.52 9.27 22.89
N THR C 22 2.04 10.09 21.96
CA THR C 22 1.12 9.59 20.91
C THR C 22 1.41 10.11 19.51
N LEU C 23 0.83 9.46 18.51
CA LEU C 23 0.90 9.91 17.11
C LEU C 23 -0.28 10.87 16.96
N ASP C 24 0.01 12.13 16.66
CA ASP C 24 -1.04 13.17 16.61
C ASP C 24 -1.49 13.44 15.18
N TRP C 25 -2.75 13.17 14.86
CA TRP C 25 -3.29 13.46 13.50
C TRP C 25 -3.79 14.89 13.47
N ARG C 26 -3.69 15.55 12.32
CA ARG C 26 -4.17 16.95 12.19
C ARG C 26 -4.98 17.12 10.91
N ASP C 27 -5.94 18.03 10.91
CA ASP C 27 -6.75 18.27 9.69
C ASP C 27 -6.54 19.69 9.18
N ASP C 28 -5.52 20.39 9.67
CA ASP C 28 -5.28 21.82 9.36
C ASP C 28 -3.86 22.07 8.90
N GLN C 29 -3.16 21.06 8.41
CA GLN C 29 -1.76 21.30 8.00
C GLN C 29 -1.50 20.61 6.66
N ASP C 30 -0.49 21.04 5.94
CA ASP C 30 -0.08 20.38 4.68
C ASP C 30 -1.25 20.20 3.73
N GLN C 31 -1.52 18.94 3.35
CA GLN C 31 -2.59 18.58 2.40
C GLN C 31 -3.80 17.96 3.12
N ALA C 32 -3.93 18.18 4.42
CA ALA C 32 -5.07 17.65 5.20
C ALA C 32 -6.35 18.38 4.83
N PHE C 33 -7.49 17.72 4.97
CA PHE C 33 -8.81 18.30 4.65
C PHE C 33 -9.90 17.42 5.26
N SER C 34 -11.06 18.00 5.45
CA SER C 34 -12.27 17.35 6.02
C SER C 34 -13.41 17.69 5.08
N SER C 35 -14.35 16.79 4.88
CA SER C 35 -15.47 17.07 3.96
C SER C 35 -16.62 16.13 4.26
N GLY C 36 -17.85 16.61 4.07
CA GLY C 36 -19.08 15.82 4.16
C GLY C 36 -19.39 15.17 5.48
N GLY C 37 -18.84 15.68 6.57
CA GLY C 37 -19.25 15.03 7.84
C GLY C 37 -18.12 14.25 8.46
N LEU C 38 -17.18 13.77 7.67
CA LEU C 38 -16.02 13.09 8.25
C LEU C 38 -15.25 14.16 9.05
N LYS C 39 -14.94 13.90 10.32
CA LYS C 39 -14.25 14.93 11.13
C LYS C 39 -13.32 14.29 12.16
N LEU C 40 -12.28 15.02 12.50
CA LEU C 40 -11.23 14.60 13.46
C LEU C 40 -11.63 15.09 14.84
N VAL C 41 -11.67 14.20 15.83
CA VAL C 41 -12.03 14.57 17.22
C VAL C 41 -11.20 13.68 18.13
N ASN C 42 -10.10 14.20 18.68
CA ASN C 42 -9.17 13.52 19.62
C ASN C 42 -8.47 12.36 18.95
N ARG C 43 -7.70 12.70 17.93
CA ARG C 43 -6.93 11.72 17.14
C ARG C 43 -7.83 10.55 16.72
N GLU C 44 -9.12 10.80 16.52
CA GLU C 44 -10.05 9.76 16.06
C GLU C 44 -10.96 10.31 14.95
N ILE C 45 -11.24 9.51 13.94
CA ILE C 45 -12.14 9.92 12.82
C ILE C 45 -13.54 9.47 13.15
N ILE C 46 -14.48 10.39 13.16
CA ILE C 46 -15.89 10.10 13.50
C ILE C 46 -16.68 9.82 12.24
N ILE C 47 -17.29 8.65 12.16
CA ILE C 47 -18.13 8.27 11.01
C ILE C 47 -19.49 8.92 11.18
N PRO C 48 -19.99 9.89 10.24
CA PRO C 48 -21.37 10.82 10.02
C PRO C 48 -22.49 9.78 9.92
N ASP C 49 -22.38 8.83 9.00
CA ASP C 49 -23.49 7.89 8.77
C ASP C 49 -23.04 6.44 8.60
N ASP C 50 -24.01 5.54 8.58
CA ASP C 50 -23.83 4.11 8.32
C ASP C 50 -23.55 3.93 6.82
N GLY C 51 -22.60 3.09 6.48
CA GLY C 51 -22.30 2.88 5.06
C GLY C 51 -20.97 2.23 4.86
N ILE C 52 -20.50 2.18 3.63
CA ILE C 52 -19.17 1.58 3.33
C ILE C 52 -18.18 2.72 3.15
N TYR C 53 -17.03 2.59 3.79
CA TYR C 53 -15.99 3.63 3.72
C TYR C 53 -14.66 2.98 3.41
N PHE C 54 -13.84 3.69 2.67
CA PHE C 54 -12.49 3.17 2.42
C PHE C 54 -11.61 3.83 3.46
N VAL C 55 -10.82 3.01 4.14
CA VAL C 55 -9.96 3.49 5.23
C VAL C 55 -8.53 3.12 4.86
N TYR C 56 -7.61 4.04 5.06
CA TYR C 56 -6.18 3.83 4.75
C TYR C 56 -5.30 4.58 5.74
N SER C 57 -4.08 4.11 5.88
CA SER C 57 -3.09 4.77 6.77
C SER C 57 -1.66 4.45 6.34
N GLN C 58 -0.77 5.38 6.58
CA GLN C 58 0.66 5.16 6.34
C GLN C 58 1.43 5.70 7.54
N VAL C 59 2.50 5.05 7.89
CA VAL C 59 3.37 5.55 8.98
C VAL C 59 4.80 5.35 8.49
N SER C 60 5.60 6.41 8.46
CA SER C 60 7.01 6.26 8.00
C SER C 60 7.94 6.33 9.20
N LEU C 61 8.95 5.48 9.23
CA LEU C 61 9.88 5.40 10.38
C LEU C 61 11.34 5.51 9.96
N HIS C 62 12.13 6.20 10.79
CA HIS C 62 13.60 6.15 10.70
C HIS C 62 13.99 5.46 12.01
N ILE C 63 14.43 4.21 11.94
CA ILE C 63 14.75 3.40 13.16
C ILE C 63 16.24 3.46 13.50
N SER C 64 16.54 3.83 14.74
CA SER C 64 17.93 3.95 15.22
C SER C 64 18.59 2.58 15.13
N CYS C 65 17.74 1.57 15.27
CA CYS C 65 18.11 0.14 15.32
C CYS C 65 19.06 -0.03 16.49
N THR C 66 20.15 -0.78 16.28
CA THR C 66 21.24 -1.10 17.24
C THR C 66 20.94 -2.27 18.19
N SER C 67 21.99 -3.05 18.46
CA SER C 67 22.02 -4.30 19.28
C SER C 67 21.18 -4.27 20.56
N GLU C 68 21.34 -3.28 21.44
CA GLU C 68 20.50 -3.34 22.66
C GLU C 68 19.05 -3.20 22.21
N LEU C 69 18.79 -2.59 21.08
CA LEU C 69 17.35 -2.48 20.73
C LEU C 69 16.92 -3.67 19.88
N THR C 70 17.85 -4.50 19.37
CA THR C 70 17.33 -5.61 18.51
C THR C 70 17.54 -7.03 19.07
N GLU C 71 18.22 -7.19 20.20
CA GLU C 71 18.22 -8.52 20.86
C GLU C 71 16.77 -8.68 21.31
N GLU C 72 16.25 -7.63 21.95
CA GLU C 72 14.80 -7.58 22.25
C GLU C 72 14.10 -7.56 20.90
N GLN C 73 13.15 -8.46 20.64
CA GLN C 73 12.47 -8.51 19.33
C GLN C 73 11.38 -7.43 19.26
N VAL C 74 11.45 -6.55 18.27
CA VAL C 74 10.39 -5.48 18.11
C VAL C 74 9.99 -5.35 16.64
N LEU C 75 8.71 -5.61 16.35
CA LEU C 75 8.16 -5.56 14.97
C LEU C 75 7.50 -4.22 14.72
N MET C 76 7.37 -3.85 13.47
CA MET C 76 6.66 -2.62 13.09
C MET C 76 5.20 -3.01 12.90
N SER C 77 4.30 -2.45 13.72
CA SER C 77 2.87 -2.79 13.59
C SER C 77 2.02 -1.52 13.44
N HIS C 78 1.25 -1.43 12.36
CA HIS C 78 0.34 -0.28 12.15
C HIS C 78 -1.10 -0.78 11.97
N ALA C 79 -2.00 -0.40 12.86
CA ALA C 79 -3.40 -0.85 12.83
C ALA C 79 -4.37 0.32 12.92
N VAL C 80 -5.61 0.09 12.50
CA VAL C 80 -6.72 1.06 12.62
C VAL C 80 -7.70 0.41 13.58
N MET C 81 -8.15 1.14 14.60
CA MET C 81 -9.05 0.52 15.60
C MET C 81 -10.43 1.15 15.50
N ARG C 82 -11.45 0.35 15.43
CA ARG C 82 -12.72 1.08 15.51
C ARG C 82 -12.67 1.54 16.97
N PHE C 83 -13.68 2.45 17.33
CA PHE C 83 -14.15 3.10 18.65
C PHE C 83 -15.73 3.10 18.80
N SER C 84 -16.37 2.64 19.88
CA SER C 84 -17.84 2.77 19.88
C SER C 84 -18.35 3.17 21.27
N GLU C 85 -19.53 3.76 21.37
CA GLU C 85 -20.06 4.02 22.72
C GLU C 85 -20.80 2.73 23.10
N SER C 86 -21.01 1.90 22.08
CA SER C 86 -21.72 0.60 22.16
C SER C 86 -20.76 -0.51 22.62
N TYR C 87 -19.49 -0.18 22.82
CA TYR C 87 -18.47 -1.17 23.28
C TYR C 87 -17.40 -0.45 24.09
N GLY C 88 -17.01 -1.02 25.23
CA GLY C 88 -16.04 -0.32 26.08
C GLY C 88 -14.60 -0.42 25.58
N GLY C 89 -14.23 -1.57 25.00
CA GLY C 89 -12.85 -1.84 24.58
C GLY C 89 -12.52 -1.36 23.19
N LYS C 90 -11.75 -2.13 22.43
CA LYS C 90 -11.46 -1.73 21.04
C LYS C 90 -11.45 -2.97 20.16
N LYS C 91 -11.67 -2.77 18.88
CA LYS C 91 -11.62 -3.88 17.91
C LYS C 91 -10.74 -3.38 16.78
N PRO C 92 -9.69 -4.23 16.26
CA PRO C 92 -8.52 -4.19 15.07
C PRO C 92 -9.36 -4.19 13.79
N LEU C 93 -9.64 -3.04 13.21
CA LEU C 93 -10.34 -3.12 11.91
C LEU C 93 -9.39 -3.88 11.00
N PHE C 94 -8.16 -3.42 10.91
CA PHE C 94 -7.09 -4.10 10.13
C PHE C 94 -5.72 -3.63 10.63
N SER C 95 -4.69 -4.42 10.34
CA SER C 95 -3.32 -4.05 10.78
C SER C 95 -2.32 -4.66 9.80
N ALA C 96 -1.15 -4.03 9.73
CA ALA C 96 -0.04 -4.53 8.90
C ALA C 96 1.14 -4.67 9.85
N ILE C 97 1.91 -5.73 9.74
CA ILE C 97 3.02 -5.99 10.69
C ILE C 97 4.27 -6.36 9.89
N ARG C 98 5.42 -5.80 10.27
CA ARG C 98 6.70 -6.12 9.58
C ARG C 98 7.83 -6.31 10.60
N SER C 99 8.80 -7.13 10.24
CA SER C 99 10.03 -7.31 11.05
C SER C 99 10.91 -6.11 10.75
N ILE C 100 11.56 -5.52 11.75
CA ILE C 100 12.40 -4.31 11.53
C ILE C 100 13.88 -4.65 11.71
N CYS C 101 14.76 -3.73 11.35
CA CYS C 101 16.23 -3.93 11.47
C CYS C 101 16.65 -5.26 10.84
N THR C 102 16.50 -5.33 9.52
CA THR C 102 16.86 -6.53 8.72
C THR C 102 18.30 -6.36 8.25
N GLN C 103 19.24 -6.46 9.19
CA GLN C 103 20.69 -6.27 8.93
C GLN C 103 21.42 -6.60 10.23
N GLU C 104 22.75 -6.69 10.04
CA GLU C 104 23.77 -6.85 11.09
C GLU C 104 23.84 -5.56 11.91
N PRO C 105 23.73 -5.72 13.35
CA PRO C 105 23.64 -4.80 14.78
C PRO C 105 24.78 -3.82 15.03
N GLU C 106 25.95 -4.32 15.43
CA GLU C 106 27.15 -3.47 15.69
C GLU C 106 27.29 -2.49 14.54
N SER C 107 27.27 -2.97 13.30
CA SER C 107 27.32 -2.03 12.17
C SER C 107 25.98 -1.30 12.13
N GLU C 108 25.74 -0.35 13.02
CA GLU C 108 24.43 0.35 12.93
C GLU C 108 24.68 1.71 12.27
N ASN C 109 23.54 2.10 11.76
CA ASN C 109 23.14 2.99 10.65
C ASN C 109 21.67 2.94 10.81
N LEU C 110 21.10 4.05 10.34
CA LEU C 110 19.65 4.32 10.33
C LEU C 110 18.96 3.46 9.28
N TRP C 111 17.86 2.81 9.70
CA TRP C 111 17.01 1.94 8.86
C TRP C 111 15.64 2.61 8.69
N TYR C 112 15.21 2.81 7.44
CA TYR C 112 13.92 3.46 7.11
C TYR C 112 12.91 2.47 6.56
N ASN C 113 11.64 2.58 6.96
CA ASN C 113 10.60 1.68 6.42
C ASN C 113 9.22 2.33 6.52
N THR C 114 8.33 2.03 5.60
CA THR C 114 6.99 2.65 5.63
C THR C 114 5.92 1.58 5.55
N ILE C 115 4.88 1.65 6.38
CA ILE C 115 3.76 0.68 6.32
C ILE C 115 2.51 1.38 5.80
N TYR C 116 1.89 0.81 4.77
CA TYR C 116 0.64 1.33 4.19
C TYR C 116 -0.41 0.21 4.14
N LEU C 117 -1.63 0.50 4.58
CA LEU C 117 -2.78 -0.42 4.41
C LEU C 117 -4.03 0.41 4.16
N GLY C 118 -4.98 -0.14 3.43
CA GLY C 118 -6.27 0.47 3.06
C GLY C 118 -7.26 -0.63 2.74
N ALA C 119 -8.52 -0.45 3.10
CA ALA C 119 -9.58 -1.45 2.83
C ALA C 119 -10.94 -0.79 3.00
N ALA C 120 -11.97 -1.37 2.39
CA ALA C 120 -13.34 -0.86 2.51
C ALA C 120 -14.04 -1.59 3.65
N PHE C 121 -14.83 -0.89 4.46
CA PHE C 121 -15.52 -1.51 5.63
C PHE C 121 -16.94 -1.01 5.73
N HIS C 122 -17.74 -1.77 6.47
N HIS C 122 -17.74 -1.77 6.47
CA HIS C 122 -19.16 -1.53 6.80
CA HIS C 122 -19.17 -1.53 6.80
C HIS C 122 -19.14 -1.06 8.24
C HIS C 122 -19.14 -1.05 8.25
N LEU C 123 -19.15 0.24 8.26
CA LEU C 123 -19.07 1.18 9.42
C LEU C 123 -20.44 1.78 9.78
N ARG C 124 -20.61 2.11 11.06
CA ARG C 124 -21.88 2.65 11.58
C ARG C 124 -21.72 4.11 11.97
N GLU C 125 -22.81 4.85 11.85
CA GLU C 125 -22.87 6.29 12.24
C GLU C 125 -22.41 6.41 13.68
N GLY C 126 -21.38 7.16 14.01
CA GLY C 126 -21.02 7.20 15.43
C GLY C 126 -19.84 6.31 15.75
N ASP C 127 -19.30 5.62 14.74
CA ASP C 127 -18.10 4.79 14.97
C ASP C 127 -16.91 5.75 15.03
N ARG C 128 -15.90 5.44 15.82
CA ARG C 128 -14.72 6.33 15.88
C ARG C 128 -13.49 5.53 15.49
N LEU C 129 -12.71 6.02 14.54
CA LEU C 129 -11.51 5.28 14.08
C LEU C 129 -10.25 5.98 14.56
N GLY C 130 -9.33 5.22 15.10
CA GLY C 130 -8.02 5.72 15.55
C GLY C 130 -6.93 4.77 15.12
N THR C 131 -5.69 5.18 15.22
CA THR C 131 -4.61 4.26 14.82
C THR C 131 -3.91 3.67 16.03
N ASP C 132 -3.16 2.61 15.79
CA ASP C 132 -2.41 1.93 16.85
C ASP C 132 -1.11 1.44 16.25
N THR C 133 -0.02 2.16 16.50
CA THR C 133 1.33 1.80 16.01
C THR C 133 2.17 1.35 17.19
N THR C 134 3.09 0.39 17.00
CA THR C 134 4.03 -0.13 18.05
C THR C 134 4.52 1.05 18.88
N THR C 135 4.20 1.06 20.16
CA THR C 135 4.50 2.19 21.08
C THR C 135 5.99 2.51 21.16
N ALA C 136 6.81 1.48 21.07
CA ALA C 136 8.28 1.61 21.20
C ALA C 136 8.89 2.33 20.00
N LEU C 137 8.10 2.53 18.94
CA LEU C 137 8.66 3.07 17.67
C LEU C 137 8.07 4.44 17.40
N LEU C 138 7.08 4.81 18.20
CA LEU C 138 6.34 6.08 18.09
C LEU C 138 7.30 7.26 17.94
N PRO C 139 8.44 7.55 18.76
CA PRO C 139 9.66 8.70 18.81
C PRO C 139 10.30 8.61 17.42
N MET C 140 9.94 7.59 16.65
CA MET C 140 10.64 7.38 15.36
C MET C 140 9.80 7.67 14.12
N VAL C 141 8.62 8.25 14.27
CA VAL C 141 7.73 8.58 13.12
C VAL C 141 8.20 9.88 12.48
N GLU C 142 8.10 9.98 11.14
CA GLU C 142 8.53 11.18 10.39
C GLU C 142 7.31 12.04 10.02
N ASN C 143 7.49 13.31 9.64
CA ASN C 143 6.36 14.16 9.14
C ASN C 143 6.69 14.82 7.80
N ASP C 144 7.81 15.56 7.74
CA ASP C 144 8.31 16.34 6.56
C ASP C 144 7.18 16.73 5.61
N ASN C 145 6.74 15.76 4.78
CA ASN C 145 5.71 15.97 3.73
C ASN C 145 4.86 14.70 3.50
N GLY C 146 3.77 14.55 4.24
CA GLY C 146 2.85 13.43 4.07
C GLY C 146 3.54 12.10 4.18
N LYS C 147 4.55 11.99 5.00
CA LYS C 147 5.16 10.66 5.14
C LYS C 147 4.22 9.84 6.00
N THR C 148 3.43 10.45 6.88
CA THR C 148 2.59 9.66 7.81
C THR C 148 1.17 10.20 7.73
N PHE C 149 0.17 9.37 7.42
CA PHE C 149 -1.18 9.93 7.22
C PHE C 149 -2.27 8.92 7.57
N PHE C 150 -3.48 9.45 7.63
CA PHE C 150 -4.68 8.68 8.00
C PHE C 150 -5.85 9.28 7.20
N GLY C 151 -6.64 8.46 6.53
CA GLY C 151 -7.73 9.04 5.76
C GLY C 151 -8.85 8.06 5.57
N VAL C 152 -10.04 8.58 5.31
CA VAL C 152 -11.27 7.79 5.15
C VAL C 152 -12.16 8.48 4.12
N PHE C 153 -12.77 7.73 3.22
CA PHE C 153 -13.76 8.35 2.33
C PHE C 153 -14.96 7.43 2.19
N GLY C 154 -16.13 8.03 2.03
CA GLY C 154 -17.38 7.31 1.83
C GLY C 154 -17.41 6.75 0.45
N LEU C 155 -17.80 5.50 0.34
CA LEU C 155 -17.83 4.81 -0.96
C LEU C 155 -19.10 5.17 -1.72
#